data_2C4Q
#
_entry.id   2C4Q
#
_cell.length_a   288.000
_cell.length_b   288.000
_cell.length_c   653.000
_cell.angle_alpha   90.00
_cell.angle_beta   90.00
_cell.angle_gamma   120.00
#
_symmetry.space_group_name_H-M   'H 3 2'
#
loop_
_entity.id
_entity.type
_entity.pdbx_description
1 polymer 'COAT PROTEIN'
2 polymer "5'-R(*AP*CP*AP*UP*GP*AP*GP*GP*AP*UP *PYO*AP*CP*CP*CP*AP*UP*GP*U)-3'"
3 water water
#
loop_
_entity_poly.entity_id
_entity_poly.type
_entity_poly.pdbx_seq_one_letter_code
_entity_poly.pdbx_strand_id
1 'polypeptide(L)'
;ASNFTQFVLVDNGGTGDVTVAPSNFANGVAEWISSNSRSQAYKVTCSVRQSSAQNRKYTIKVEVPKVATQTVGGVELPVA
AWRSYLNMELTIPIFATNSDCELIVKAMQGLLKDGNPIPSAIAANSGIY
;
A,B,C
2 'polyribonucleotide' ACAUGAGGAU(PYO)ACCCAUGU R,S
#
loop_
_chem_comp.id
_chem_comp.type
_chem_comp.name
_chem_comp.formula
A RNA linking ADENOSINE-5'-MONOPHOSPHATE 'C10 H14 N5 O7 P'
C RNA linking CYTIDINE-5'-MONOPHOSPHATE 'C9 H14 N3 O8 P'
G RNA linking GUANOSINE-5'-MONOPHOSPHATE 'C10 H14 N5 O8 P'
PYO RNA linking 1-(BETA-D-RIBOFURANOSYL)-PYRIMIDIN-2-ONE-5'-PHOSPHATE 'C9 H13 N2 O8 P'
U RNA linking URIDINE-5'-MONOPHOSPHATE 'C9 H13 N2 O9 P'
#
# COMPACT_ATOMS: atom_id res chain seq x y z
N ALA A 1 -4.60 16.37 8.31
CA ALA A 1 -4.79 14.92 8.01
C ALA A 1 -3.56 14.29 7.31
N SER A 2 -3.81 13.15 6.68
CA SER A 2 -2.85 12.32 5.95
C SER A 2 -3.52 10.99 6.16
N ASN A 3 -3.98 10.36 5.09
CA ASN A 3 -4.65 9.08 5.25
C ASN A 3 -3.65 7.94 5.24
N PHE A 4 -2.36 8.27 5.09
CA PHE A 4 -1.32 7.24 5.05
C PHE A 4 -0.96 6.85 6.49
N THR A 5 -1.84 6.09 7.11
CA THR A 5 -1.65 5.67 8.50
C THR A 5 -1.74 4.16 8.63
N GLN A 6 -1.31 3.64 9.77
CA GLN A 6 -1.37 2.21 10.01
C GLN A 6 -2.81 1.84 10.36
N PHE A 7 -3.16 0.60 10.10
CA PHE A 7 -4.51 0.12 10.38
C PHE A 7 -4.48 -1.37 10.65
N VAL A 8 -5.57 -1.88 11.21
CA VAL A 8 -5.67 -3.29 11.52
C VAL A 8 -6.20 -4.02 10.27
N LEU A 9 -5.35 -4.85 9.67
CA LEU A 9 -5.74 -5.60 8.49
C LEU A 9 -6.60 -6.80 8.90
N VAL A 10 -6.13 -7.55 9.90
CA VAL A 10 -6.86 -8.70 10.40
C VAL A 10 -7.25 -8.44 11.84
N ASP A 11 -8.55 -8.41 12.09
CA ASP A 11 -9.07 -8.16 13.43
C ASP A 11 -9.43 -9.44 14.18
N ASN A 12 -8.67 -9.76 15.22
CA ASN A 12 -8.92 -10.94 16.05
C ASN A 12 -9.21 -10.47 17.47
N GLY A 13 -10.09 -9.46 17.58
CA GLY A 13 -10.43 -8.92 18.88
C GLY A 13 -9.19 -8.59 19.70
N GLY A 14 -8.57 -7.44 19.39
CA GLY A 14 -7.38 -6.97 20.10
C GLY A 14 -6.23 -7.91 20.50
N THR A 15 -6.33 -9.22 20.21
CA THR A 15 -5.25 -10.14 20.60
C THR A 15 -4.88 -11.08 19.45
N GLY A 16 -3.69 -10.88 18.89
CA GLY A 16 -3.26 -11.69 17.76
C GLY A 16 -3.68 -10.95 16.50
N ASP A 17 -4.02 -9.67 16.67
CA ASP A 17 -4.44 -8.81 15.57
C ASP A 17 -3.25 -8.56 14.65
N VAL A 18 -3.53 -8.41 13.35
CA VAL A 18 -2.47 -8.14 12.41
C VAL A 18 -2.61 -6.68 11.95
N THR A 19 -1.72 -5.82 12.44
CA THR A 19 -1.77 -4.42 12.02
C THR A 19 -0.69 -4.26 10.95
N VAL A 20 -0.93 -3.31 10.07
CA VAL A 20 -0.05 -3.06 8.96
C VAL A 20 0.31 -1.57 8.99
N ALA A 21 1.57 -1.23 8.76
CA ALA A 21 2.01 0.16 8.81
C ALA A 21 2.67 0.69 7.55
N PRO A 22 2.59 2.00 7.31
CA PRO A 22 3.19 2.64 6.14
C PRO A 22 4.66 2.27 6.05
N SER A 23 5.11 1.82 4.89
CA SER A 23 6.50 1.42 4.76
C SER A 23 7.20 1.95 3.51
N ASN A 24 6.46 2.47 2.54
CA ASN A 24 7.09 2.98 1.34
C ASN A 24 6.11 3.71 0.45
N PHE A 25 6.58 4.73 -0.27
CA PHE A 25 5.71 5.47 -1.18
C PHE A 25 6.47 5.76 -2.46
N ALA A 26 7.55 5.02 -2.69
CA ALA A 26 8.35 5.21 -3.88
C ALA A 26 7.56 4.90 -5.15
N ASN A 27 7.76 5.72 -6.18
CA ASN A 27 7.09 5.56 -7.46
C ASN A 27 5.57 5.65 -7.41
N GLY A 28 5.05 6.43 -6.47
CA GLY A 28 3.62 6.58 -6.37
C GLY A 28 2.83 5.37 -5.92
N VAL A 29 3.50 4.36 -5.38
CA VAL A 29 2.80 3.17 -4.90
C VAL A 29 2.90 3.17 -3.38
N ALA A 30 1.79 3.35 -2.70
CA ALA A 30 1.79 3.36 -1.25
C ALA A 30 1.86 1.92 -0.76
N GLU A 31 2.75 1.66 0.19
CA GLU A 31 2.93 0.32 0.73
C GLU A 31 2.78 0.26 2.23
N TRP A 32 2.27 -0.87 2.72
CA TRP A 32 2.08 -1.11 4.14
C TRP A 32 2.57 -2.53 4.39
N ILE A 33 3.25 -2.77 5.50
CA ILE A 33 3.67 -4.12 5.83
C ILE A 33 3.50 -4.35 7.33
N SER A 34 3.48 -5.61 7.74
CA SER A 34 3.34 -5.94 9.15
C SER A 34 4.73 -6.01 9.76
N SER A 35 4.82 -5.98 11.09
CA SER A 35 6.12 -6.06 11.78
C SER A 35 6.68 -7.46 11.73
N ASN A 36 7.26 -7.81 10.59
CA ASN A 36 7.83 -9.12 10.39
C ASN A 36 9.04 -8.95 9.51
N SER A 37 9.72 -10.05 9.24
CA SER A 37 10.84 -9.99 8.34
C SER A 37 10.12 -9.81 7.01
N ARG A 38 10.77 -9.12 6.09
CA ARG A 38 10.20 -8.88 4.78
C ARG A 38 9.72 -10.18 4.12
N SER A 39 10.31 -11.31 4.50
CA SER A 39 9.93 -12.60 3.94
C SER A 39 8.65 -13.20 4.52
N GLN A 40 8.24 -12.74 5.70
CA GLN A 40 7.03 -13.27 6.33
C GLN A 40 5.93 -12.22 6.55
N ALA A 41 6.09 -11.05 5.94
CA ALA A 41 5.15 -9.97 6.18
C ALA A 41 3.91 -9.90 5.31
N TYR A 42 2.84 -9.37 5.89
CA TYR A 42 1.59 -9.14 5.17
C TYR A 42 1.94 -7.88 4.37
N LYS A 43 1.36 -7.74 3.20
CA LYS A 43 1.70 -6.60 2.38
C LYS A 43 0.46 -6.02 1.72
N VAL A 44 0.35 -4.70 1.73
CA VAL A 44 -0.77 -4.02 1.11
C VAL A 44 -0.19 -2.89 0.28
N THR A 45 -0.65 -2.77 -0.96
CA THR A 45 -0.19 -1.68 -1.80
C THR A 45 -1.39 -1.02 -2.47
N CYS A 46 -1.26 0.27 -2.73
CA CYS A 46 -2.33 1.03 -3.35
C CYS A 46 -1.77 2.14 -4.22
N SER A 47 -2.44 2.38 -5.34
CA SER A 47 -2.03 3.45 -6.24
C SER A 47 -3.24 3.90 -7.06
N VAL A 48 -3.23 5.16 -7.48
CA VAL A 48 -4.32 5.72 -8.28
C VAL A 48 -3.71 6.38 -9.49
N ARG A 49 -4.35 6.20 -10.64
CA ARG A 49 -3.85 6.81 -11.84
C ARG A 49 -5.05 7.30 -12.66
N GLN A 50 -4.89 8.38 -13.41
CA GLN A 50 -6.00 8.83 -14.25
C GLN A 50 -5.79 8.09 -15.56
N SER A 51 -6.15 6.81 -15.55
CA SER A 51 -6.02 5.88 -16.68
C SER A 51 -6.58 6.35 -18.03
N SER A 52 -7.51 7.29 -17.99
CA SER A 52 -8.09 7.79 -19.22
C SER A 52 -8.36 9.26 -19.02
N ALA A 53 -8.95 9.88 -20.04
CA ALA A 53 -9.29 11.28 -19.93
C ALA A 53 -10.42 11.37 -18.87
N GLN A 54 -11.33 10.39 -18.92
CA GLN A 54 -12.48 10.41 -18.03
C GLN A 54 -12.64 9.34 -16.95
N ASN A 55 -11.54 8.66 -16.64
CA ASN A 55 -11.54 7.60 -15.62
C ASN A 55 -10.36 7.69 -14.70
N ARG A 56 -10.57 7.25 -13.47
CA ARG A 56 -9.51 7.18 -12.50
C ARG A 56 -9.54 5.72 -12.06
N LYS A 57 -8.37 5.11 -11.91
CA LYS A 57 -8.30 3.72 -11.57
C LYS A 57 -7.45 3.46 -10.33
N TYR A 58 -8.04 2.76 -9.36
CA TYR A 58 -7.31 2.40 -8.15
C TYR A 58 -6.82 0.97 -8.32
N THR A 59 -5.56 0.74 -8.01
CA THR A 59 -5.00 -0.59 -8.09
C THR A 59 -4.57 -0.97 -6.67
N ILE A 60 -5.19 -2.00 -6.13
CA ILE A 60 -4.92 -2.44 -4.79
C ILE A 60 -4.45 -3.88 -4.76
N LYS A 61 -3.45 -4.16 -3.94
CA LYS A 61 -2.91 -5.50 -3.82
C LYS A 61 -2.70 -5.88 -2.35
N VAL A 62 -3.12 -7.08 -1.98
CA VAL A 62 -2.95 -7.57 -0.62
C VAL A 62 -2.31 -8.95 -0.66
N GLU A 63 -1.34 -9.19 0.22
CA GLU A 63 -0.67 -10.48 0.29
C GLU A 63 -0.77 -11.07 1.68
N VAL A 64 -1.38 -12.25 1.79
CA VAL A 64 -1.51 -12.92 3.07
C VAL A 64 -0.58 -14.12 3.10
N PRO A 65 0.40 -14.12 4.01
CA PRO A 65 1.33 -15.25 4.06
C PRO A 65 1.01 -16.36 5.05
N LYS A 66 1.52 -17.55 4.75
CA LYS A 66 1.38 -18.70 5.61
C LYS A 66 2.82 -18.83 6.12
N VAL A 67 3.06 -18.34 7.35
CA VAL A 67 4.41 -18.35 7.92
C VAL A 67 4.92 -19.73 8.33
N ALA A 68 6.23 -19.92 8.17
CA ALA A 68 6.87 -21.18 8.50
C ALA A 68 8.37 -20.99 8.69
N THR A 69 9.02 -21.98 9.29
CA THR A 69 10.46 -21.95 9.50
C THR A 69 11.06 -23.02 8.60
N GLN A 70 11.95 -22.62 7.69
CA GLN A 70 12.54 -23.57 6.79
C GLN A 70 14.04 -23.76 6.96
N THR A 71 14.47 -25.02 6.86
CA THR A 71 15.88 -25.38 6.98
C THR A 71 16.55 -25.47 5.62
N VAL A 72 17.45 -24.53 5.35
CA VAL A 72 18.17 -24.47 4.08
C VAL A 72 19.66 -24.55 4.42
N GLY A 73 20.36 -25.51 3.80
CA GLY A 73 21.77 -25.67 4.10
C GLY A 73 22.00 -25.92 5.58
N GLY A 74 21.07 -26.66 6.21
CA GLY A 74 21.19 -26.98 7.61
C GLY A 74 20.98 -25.82 8.57
N VAL A 75 20.41 -24.71 8.06
CA VAL A 75 20.14 -23.53 8.88
C VAL A 75 18.67 -23.09 8.82
N GLU A 76 18.13 -22.64 9.94
CA GLU A 76 16.73 -22.21 10.01
C GLU A 76 16.48 -20.76 9.64
N LEU A 77 15.60 -20.54 8.66
CA LEU A 77 15.25 -19.20 8.20
C LEU A 77 13.75 -18.96 8.31
N PRO A 78 13.34 -17.71 8.65
CA PRO A 78 11.91 -17.40 8.75
C PRO A 78 11.44 -17.19 7.31
N VAL A 79 10.38 -17.87 6.91
CA VAL A 79 9.91 -17.76 5.54
C VAL A 79 8.40 -17.94 5.39
N ALA A 80 7.91 -17.95 4.16
CA ALA A 80 6.49 -18.14 3.92
C ALA A 80 6.28 -19.43 3.12
N ALA A 81 5.51 -20.36 3.69
CA ALA A 81 5.23 -21.64 3.01
C ALA A 81 4.61 -21.33 1.66
N TRP A 82 3.68 -20.39 1.66
CA TRP A 82 3.01 -19.93 0.46
C TRP A 82 2.31 -18.62 0.79
N ARG A 83 1.78 -17.97 -0.23
CA ARG A 83 1.09 -16.70 -0.05
C ARG A 83 -0.20 -16.70 -0.84
N SER A 84 -1.18 -15.96 -0.33
CA SER A 84 -2.46 -15.81 -1.00
C SER A 84 -2.42 -14.38 -1.55
N TYR A 85 -2.90 -14.19 -2.78
CA TYR A 85 -2.86 -12.87 -3.40
C TYR A 85 -4.20 -12.28 -3.82
N LEU A 86 -4.46 -11.05 -3.39
CA LEU A 86 -5.68 -10.34 -3.76
C LEU A 86 -5.29 -9.17 -4.64
N ASN A 87 -5.82 -9.14 -5.85
CA ASN A 87 -5.52 -8.04 -6.77
C ASN A 87 -6.84 -7.42 -7.19
N MET A 88 -7.03 -6.14 -6.90
CA MET A 88 -8.27 -5.50 -7.31
C MET A 88 -8.09 -4.18 -8.04
N GLU A 89 -8.92 -3.95 -9.04
CA GLU A 89 -8.88 -2.71 -9.81
C GLU A 89 -10.24 -2.07 -9.76
N LEU A 90 -10.26 -0.80 -9.41
CA LEU A 90 -11.51 -0.08 -9.32
C LEU A 90 -11.49 1.13 -10.26
N THR A 91 -12.37 1.12 -11.26
CA THR A 91 -12.43 2.21 -12.21
C THR A 91 -13.63 3.10 -11.91
N ILE A 92 -13.36 4.37 -11.61
CA ILE A 92 -14.40 5.32 -11.27
C ILE A 92 -14.42 6.49 -12.26
N PRO A 93 -15.59 6.83 -12.81
CA PRO A 93 -15.64 7.94 -13.75
C PRO A 93 -15.39 9.28 -13.01
N ILE A 94 -14.76 10.24 -13.69
CA ILE A 94 -14.47 11.52 -13.07
C ILE A 94 -15.72 12.30 -12.66
N PHE A 95 -16.87 11.91 -13.19
CA PHE A 95 -18.12 12.58 -12.88
C PHE A 95 -18.75 12.13 -11.56
N ALA A 96 -18.14 11.15 -10.92
CA ALA A 96 -18.65 10.64 -9.66
C ALA A 96 -18.35 11.63 -8.53
N THR A 97 -19.40 12.00 -7.79
CA THR A 97 -19.25 12.93 -6.68
C THR A 97 -18.77 12.15 -5.46
N ASN A 98 -18.56 12.83 -4.35
CA ASN A 98 -18.11 12.16 -3.13
C ASN A 98 -19.15 11.17 -2.63
N SER A 99 -20.42 11.53 -2.75
CA SER A 99 -21.49 10.64 -2.30
C SER A 99 -21.58 9.43 -3.23
N ASP A 100 -21.20 9.60 -4.50
CA ASP A 100 -21.24 8.50 -5.45
C ASP A 100 -20.17 7.49 -5.07
N CYS A 101 -19.03 8.01 -4.61
CA CYS A 101 -17.91 7.17 -4.22
C CYS A 101 -18.15 6.45 -2.90
N GLU A 102 -18.90 7.08 -2.01
CA GLU A 102 -19.24 6.46 -0.72
C GLU A 102 -20.11 5.25 -0.98
N LEU A 103 -20.88 5.33 -2.06
CA LEU A 103 -21.78 4.26 -2.46
C LEU A 103 -20.96 3.05 -2.91
N ILE A 104 -19.83 3.31 -3.56
CA ILE A 104 -18.96 2.24 -4.02
C ILE A 104 -18.32 1.57 -2.81
N VAL A 105 -17.89 2.36 -1.84
CA VAL A 105 -17.26 1.79 -0.66
C VAL A 105 -18.24 0.92 0.12
N LYS A 106 -19.47 1.39 0.27
CA LYS A 106 -20.48 0.62 0.98
C LYS A 106 -20.78 -0.70 0.28
N ALA A 107 -20.80 -0.68 -1.05
CA ALA A 107 -21.07 -1.89 -1.82
C ALA A 107 -19.96 -2.92 -1.60
N MET A 108 -18.72 -2.44 -1.54
CA MET A 108 -17.60 -3.35 -1.33
C MET A 108 -17.62 -3.92 0.08
N GLN A 109 -18.12 -3.14 1.04
CA GLN A 109 -18.20 -3.62 2.41
C GLN A 109 -19.33 -4.62 2.57
N GLY A 110 -20.45 -4.37 1.89
CA GLY A 110 -21.58 -5.29 1.99
C GLY A 110 -21.28 -6.59 1.27
N LEU A 111 -20.49 -6.51 0.23
CA LEU A 111 -20.09 -7.68 -0.56
C LEU A 111 -19.36 -8.71 0.28
N LEU A 112 -18.50 -8.21 1.18
CA LEU A 112 -17.66 -9.06 2.02
C LEU A 112 -18.12 -9.26 3.46
N LYS A 113 -19.29 -8.74 3.81
CA LYS A 113 -19.80 -8.89 5.17
C LYS A 113 -20.07 -10.34 5.55
N ASP A 114 -19.74 -10.71 6.79
CA ASP A 114 -19.96 -12.08 7.25
C ASP A 114 -21.38 -12.55 7.03
N GLY A 115 -21.51 -13.79 6.56
CA GLY A 115 -22.83 -14.34 6.33
C GLY A 115 -23.31 -14.20 4.89
N ASN A 116 -22.76 -13.26 4.15
CA ASN A 116 -23.17 -13.10 2.76
C ASN A 116 -22.55 -14.17 1.87
N PRO A 117 -23.15 -14.41 0.71
CA PRO A 117 -22.67 -15.42 -0.23
C PRO A 117 -21.17 -15.56 -0.49
N ILE A 118 -20.57 -14.54 -1.10
CA ILE A 118 -19.16 -14.59 -1.44
C ILE A 118 -18.20 -14.88 -0.29
N PRO A 119 -18.27 -14.14 0.82
CA PRO A 119 -17.32 -14.51 1.86
C PRO A 119 -17.58 -15.92 2.42
N SER A 120 -18.81 -16.39 2.32
CA SER A 120 -19.18 -17.72 2.80
C SER A 120 -18.59 -18.82 1.95
N ALA A 121 -18.56 -18.61 0.64
CA ALA A 121 -18.01 -19.58 -0.28
C ALA A 121 -16.50 -19.68 -0.09
N ILE A 122 -15.84 -18.53 -0.08
CA ILE A 122 -14.39 -18.48 0.07
C ILE A 122 -13.93 -19.17 1.34
N ALA A 123 -14.60 -18.88 2.45
CA ALA A 123 -14.22 -19.46 3.73
C ALA A 123 -14.49 -20.97 3.82
N ALA A 124 -15.36 -21.49 2.96
CA ALA A 124 -15.69 -22.91 2.98
C ALA A 124 -15.03 -23.69 1.84
N ASN A 125 -14.13 -23.03 1.12
CA ASN A 125 -13.44 -23.68 0.01
C ASN A 125 -14.41 -24.23 -1.03
N SER A 126 -15.44 -23.48 -1.36
CA SER A 126 -16.40 -23.94 -2.36
C SER A 126 -16.79 -22.83 -3.31
N GLY A 127 -17.62 -23.19 -4.28
CA GLY A 127 -18.10 -22.20 -5.23
C GLY A 127 -19.46 -21.71 -4.79
N ILE A 128 -20.15 -21.04 -5.69
CA ILE A 128 -21.48 -20.53 -5.40
C ILE A 128 -22.49 -21.48 -6.02
N TYR A 129 -23.50 -21.87 -5.25
CA TYR A 129 -24.51 -22.78 -5.76
C TYR A 129 -25.79 -22.73 -4.92
N ALA B 1 -25.09 -26.66 1.75
CA ALA B 1 -25.67 -25.34 2.18
C ALA B 1 -25.70 -24.36 1.01
N SER B 2 -26.80 -24.39 0.23
CA SER B 2 -26.95 -23.49 -0.91
C SER B 2 -26.67 -22.04 -0.47
N ASN B 3 -25.68 -21.40 -1.08
CA ASN B 3 -25.33 -20.04 -0.71
C ASN B 3 -25.71 -19.01 -1.77
N PHE B 4 -26.28 -19.46 -2.87
CA PHE B 4 -26.65 -18.55 -3.95
C PHE B 4 -27.99 -17.87 -3.64
N THR B 5 -27.95 -16.93 -2.71
CA THR B 5 -29.14 -16.22 -2.31
C THR B 5 -29.00 -14.71 -2.37
N GLN B 6 -30.15 -14.06 -2.23
CA GLN B 6 -30.27 -12.63 -2.22
C GLN B 6 -29.55 -12.06 -0.99
N PHE B 7 -28.97 -10.88 -1.12
CA PHE B 7 -28.28 -10.26 0.02
C PHE B 7 -28.23 -8.74 -0.11
N VAL B 8 -27.97 -8.06 0.99
CA VAL B 8 -27.90 -6.61 1.00
C VAL B 8 -26.49 -6.17 0.60
N LEU B 9 -26.39 -5.50 -0.54
CA LEU B 9 -25.10 -5.02 -1.03
C LEU B 9 -24.75 -3.68 -0.41
N VAL B 10 -25.70 -2.75 -0.43
CA VAL B 10 -25.50 -1.43 0.15
C VAL B 10 -26.42 -1.28 1.34
N ASP B 11 -25.83 -1.22 2.53
CA ASP B 11 -26.60 -1.08 3.75
C ASP B 11 -26.73 0.38 4.21
N ASN B 12 -27.94 0.90 4.09
CA ASN B 12 -28.24 2.27 4.52
C ASN B 12 -29.08 2.22 5.80
N GLY B 13 -28.79 1.23 6.64
CA GLY B 13 -29.51 1.08 7.89
C GLY B 13 -31.01 0.94 7.73
N GLY B 14 -31.46 -0.09 7.00
CA GLY B 14 -32.88 -0.33 6.83
C GLY B 14 -33.62 0.51 5.79
N THR B 15 -33.42 1.84 5.80
CA THR B 15 -34.10 2.67 4.83
C THR B 15 -33.20 3.06 3.63
N GLY B 16 -33.62 2.64 2.44
CA GLY B 16 -32.84 2.92 1.24
C GLY B 16 -31.76 1.88 0.97
N ASP B 17 -31.92 0.70 1.56
CA ASP B 17 -30.97 -0.39 1.38
C ASP B 17 -31.05 -0.88 -0.06
N VAL B 18 -29.92 -1.34 -0.59
CA VAL B 18 -29.90 -1.88 -1.94
C VAL B 18 -29.70 -3.38 -1.82
N THR B 19 -30.72 -4.13 -2.25
CA THR B 19 -30.67 -5.57 -2.23
C THR B 19 -30.34 -6.06 -3.62
N VAL B 20 -29.61 -7.15 -3.68
CA VAL B 20 -29.18 -7.72 -4.94
C VAL B 20 -29.64 -9.18 -4.93
N ALA B 21 -30.26 -9.62 -6.02
CA ALA B 21 -30.80 -10.97 -6.08
C ALA B 21 -30.29 -11.82 -7.24
N PRO B 22 -30.25 -13.15 -7.08
CA PRO B 22 -29.79 -14.08 -8.11
C PRO B 22 -30.48 -13.79 -9.45
N SER B 23 -29.71 -13.65 -10.52
CA SER B 23 -30.28 -13.34 -11.82
C SER B 23 -29.74 -14.16 -12.98
N ASN B 24 -28.69 -14.93 -12.76
CA ASN B 24 -28.14 -15.74 -13.83
C ASN B 24 -27.13 -16.73 -13.29
N PHE B 25 -27.02 -17.89 -13.92
CA PHE B 25 -26.06 -18.90 -13.47
C PHE B 25 -25.41 -19.60 -14.67
N ALA B 26 -25.43 -18.94 -15.81
CA ALA B 26 -24.84 -19.50 -17.02
C ALA B 26 -23.33 -19.69 -16.91
N ASN B 27 -22.87 -20.91 -17.19
CA ASN B 27 -21.45 -21.25 -17.17
C ASN B 27 -20.75 -21.23 -15.82
N GLY B 28 -21.49 -21.51 -14.75
CA GLY B 28 -20.88 -21.50 -13.44
C GLY B 28 -20.62 -20.10 -12.89
N VAL B 29 -20.92 -19.07 -13.68
CA VAL B 29 -20.74 -17.70 -13.22
C VAL B 29 -22.04 -17.22 -12.58
N ALA B 30 -22.02 -17.05 -11.27
CA ALA B 30 -23.20 -16.59 -10.55
C ALA B 30 -23.35 -15.08 -10.70
N GLU B 31 -24.58 -14.64 -10.92
CA GLU B 31 -24.85 -13.21 -11.07
C GLU B 31 -26.00 -12.76 -10.17
N TRP B 32 -25.88 -11.55 -9.66
CA TRP B 32 -26.88 -10.93 -8.80
C TRP B 32 -27.07 -9.52 -9.35
N ILE B 33 -28.31 -9.04 -9.41
CA ILE B 33 -28.53 -7.66 -9.84
C ILE B 33 -29.62 -7.04 -8.99
N SER B 34 -29.64 -5.71 -8.95
CA SER B 34 -30.65 -5.00 -8.21
C SER B 34 -31.87 -4.86 -9.11
N SER B 35 -32.98 -4.42 -8.55
CA SER B 35 -34.21 -4.25 -9.29
C SER B 35 -34.17 -2.94 -10.09
N ASN B 36 -33.44 -2.95 -11.19
CA ASN B 36 -33.27 -1.78 -12.04
C ASN B 36 -33.14 -2.22 -13.49
N SER B 37 -33.00 -1.24 -14.38
CA SER B 37 -32.76 -1.55 -15.79
C SER B 37 -31.30 -2.01 -15.71
N ARG B 38 -30.84 -2.81 -16.65
CA ARG B 38 -29.46 -3.27 -16.56
C ARG B 38 -28.43 -2.18 -16.73
N SER B 39 -28.85 -1.03 -17.28
CA SER B 39 -27.94 0.08 -17.47
C SER B 39 -27.72 0.85 -16.17
N GLN B 40 -28.66 0.73 -15.23
CA GLN B 40 -28.56 1.44 -13.96
C GLN B 40 -28.49 0.53 -12.74
N ALA B 41 -28.37 -0.77 -12.98
CA ALA B 41 -28.36 -1.74 -11.89
C ALA B 41 -27.03 -1.94 -11.17
N TYR B 42 -27.12 -2.50 -9.97
CA TYR B 42 -25.95 -2.87 -9.20
C TYR B 42 -25.80 -4.31 -9.65
N LYS B 43 -24.61 -4.68 -10.10
CA LYS B 43 -24.39 -6.04 -10.54
C LYS B 43 -23.22 -6.69 -9.83
N VAL B 44 -23.36 -7.97 -9.52
CA VAL B 44 -22.30 -8.71 -8.85
C VAL B 44 -22.17 -10.07 -9.52
N THR B 45 -20.94 -10.48 -9.86
CA THR B 45 -20.71 -11.79 -10.45
C THR B 45 -19.55 -12.45 -9.71
N CYS B 46 -19.55 -13.78 -9.69
CA CYS B 46 -18.50 -14.51 -8.99
C CYS B 46 -18.31 -15.90 -9.56
N SER B 47 -17.06 -16.35 -9.65
CA SER B 47 -16.76 -17.69 -10.16
C SER B 47 -15.44 -18.16 -9.58
N VAL B 48 -15.25 -19.48 -9.55
CA VAL B 48 -14.02 -20.06 -9.03
C VAL B 48 -13.48 -21.05 -10.05
N ARG B 49 -12.16 -21.20 -10.07
CA ARG B 49 -11.54 -22.13 -10.99
C ARG B 49 -10.16 -22.49 -10.46
N GLN B 50 -9.61 -23.56 -11.02
CA GLN B 50 -8.27 -24.02 -10.67
C GLN B 50 -7.42 -23.34 -11.73
N SER B 51 -6.80 -22.22 -11.39
CA SER B 51 -5.99 -21.48 -12.35
C SER B 51 -4.75 -22.22 -12.84
N SER B 52 -4.15 -23.00 -11.94
CA SER B 52 -2.96 -23.77 -12.26
C SER B 52 -2.93 -24.95 -11.29
N ALA B 53 -1.86 -25.72 -11.32
CA ALA B 53 -1.77 -26.88 -10.45
C ALA B 53 -1.62 -26.51 -8.98
N GLN B 54 -1.02 -25.36 -8.72
CA GLN B 54 -0.78 -24.91 -7.36
C GLN B 54 -1.87 -23.98 -6.79
N ASN B 55 -2.64 -23.33 -7.66
CA ASN B 55 -3.65 -22.38 -7.20
C ASN B 55 -5.09 -22.53 -7.67
N ARG B 56 -6.00 -21.98 -6.86
CA ARG B 56 -7.42 -21.91 -7.17
C ARG B 56 -7.59 -20.40 -7.26
N LYS B 57 -8.55 -19.94 -8.03
CA LYS B 57 -8.71 -18.51 -8.17
C LYS B 57 -10.15 -18.02 -8.27
N TYR B 58 -10.51 -17.05 -7.44
CA TYR B 58 -11.85 -16.47 -7.45
C TYR B 58 -11.85 -15.17 -8.25
N THR B 59 -12.82 -15.02 -9.13
CA THR B 59 -12.94 -13.79 -9.91
C THR B 59 -14.28 -13.19 -9.51
N ILE B 60 -14.22 -11.98 -8.95
CA ILE B 60 -15.41 -11.28 -8.48
C ILE B 60 -15.48 -9.92 -9.15
N LYS B 61 -16.62 -9.63 -9.76
CA LYS B 61 -16.79 -8.34 -10.42
C LYS B 61 -18.00 -7.63 -9.85
N VAL B 62 -17.89 -6.31 -9.71
CA VAL B 62 -18.99 -5.52 -9.21
C VAL B 62 -19.18 -4.28 -10.09
N GLU B 63 -20.43 -3.93 -10.35
CA GLU B 63 -20.74 -2.75 -11.14
C GLU B 63 -21.62 -1.87 -10.28
N VAL B 64 -21.21 -0.62 -10.08
CA VAL B 64 -21.96 0.33 -9.26
C VAL B 64 -22.38 1.54 -10.10
N PRO B 65 -23.67 1.91 -10.05
CA PRO B 65 -24.18 3.06 -10.82
C PRO B 65 -23.87 4.42 -10.22
N LYS B 66 -23.71 5.43 -11.07
CA LYS B 66 -23.50 6.78 -10.59
C LYS B 66 -24.92 7.24 -10.29
N VAL B 67 -25.18 7.66 -9.07
CA VAL B 67 -26.51 8.05 -8.66
C VAL B 67 -26.84 9.55 -8.70
N ALA B 68 -25.86 10.41 -8.41
CA ALA B 68 -26.10 11.84 -8.43
C ALA B 68 -26.53 12.34 -9.81
N THR B 69 -27.67 13.04 -9.84
CA THR B 69 -28.29 13.59 -11.05
C THR B 69 -28.80 12.51 -12.01
N GLN B 70 -28.90 11.30 -11.50
CA GLN B 70 -29.39 10.17 -12.26
C GLN B 70 -30.88 10.32 -12.58
N THR B 71 -31.28 9.90 -13.77
CA THR B 71 -32.69 9.94 -14.17
C THR B 71 -33.15 8.47 -14.17
N VAL B 72 -33.91 8.09 -13.15
CA VAL B 72 -34.36 6.71 -13.03
C VAL B 72 -35.11 6.18 -14.25
N GLY B 73 -34.58 5.11 -14.83
CA GLY B 73 -35.19 4.49 -16.00
C GLY B 73 -34.88 5.17 -17.31
N GLY B 74 -34.04 6.20 -17.28
CA GLY B 74 -33.71 6.92 -18.49
C GLY B 74 -32.52 6.40 -19.25
N VAL B 75 -32.31 6.93 -20.45
CA VAL B 75 -31.20 6.54 -21.29
C VAL B 75 -30.06 7.52 -21.03
N GLU B 76 -29.01 7.05 -20.37
CA GLU B 76 -27.86 7.89 -20.03
C GLU B 76 -26.58 7.49 -20.76
N LEU B 77 -26.11 8.37 -21.64
CA LEU B 77 -24.89 8.12 -22.41
C LEU B 77 -23.88 9.24 -22.16
N PRO B 78 -22.59 8.95 -22.26
CA PRO B 78 -22.03 7.62 -22.56
C PRO B 78 -22.08 6.72 -21.33
N VAL B 79 -22.16 5.42 -21.56
CA VAL B 79 -22.21 4.46 -20.48
C VAL B 79 -21.05 4.57 -19.49
N ALA B 80 -19.85 4.83 -20.02
CA ALA B 80 -18.66 4.94 -19.20
C ALA B 80 -18.69 6.05 -18.17
N ALA B 81 -19.54 7.05 -18.39
CA ALA B 81 -19.64 8.18 -17.47
C ALA B 81 -20.57 7.89 -16.30
N TRP B 82 -21.37 6.85 -16.42
CA TRP B 82 -22.34 6.54 -15.38
C TRP B 82 -22.13 5.26 -14.60
N ARG B 83 -20.97 4.63 -14.75
CA ARG B 83 -20.74 3.38 -14.03
C ARG B 83 -19.32 3.18 -13.56
N SER B 84 -19.20 2.57 -12.39
CA SER B 84 -17.90 2.25 -11.81
C SER B 84 -17.75 0.75 -11.86
N TYR B 85 -16.54 0.28 -12.13
CA TYR B 85 -16.29 -1.14 -12.22
C TYR B 85 -15.24 -1.63 -11.23
N LEU B 86 -15.60 -2.68 -10.50
CA LEU B 86 -14.70 -3.28 -9.53
C LEU B 86 -14.35 -4.65 -10.05
N ASN B 87 -13.07 -4.93 -10.16
CA ASN B 87 -12.61 -6.22 -10.64
C ASN B 87 -11.64 -6.79 -9.61
N MET B 88 -12.06 -7.87 -8.95
CA MET B 88 -11.26 -8.53 -7.91
C MET B 88 -10.82 -9.93 -8.27
N GLU B 89 -9.56 -10.24 -8.01
CA GLU B 89 -9.07 -11.59 -8.24
C GLU B 89 -8.34 -12.06 -7.02
N LEU B 90 -8.79 -13.18 -6.49
CA LEU B 90 -8.22 -13.78 -5.29
C LEU B 90 -7.58 -15.11 -5.63
N THR B 91 -6.26 -15.18 -5.51
CA THR B 91 -5.50 -16.40 -5.79
C THR B 91 -5.19 -17.10 -4.48
N ILE B 92 -5.62 -18.35 -4.36
CA ILE B 92 -5.40 -19.11 -3.14
C ILE B 92 -4.72 -20.45 -3.40
N PRO B 93 -3.55 -20.69 -2.79
CA PRO B 93 -2.82 -21.95 -2.97
C PRO B 93 -3.70 -23.12 -2.50
N ILE B 94 -3.59 -24.26 -3.18
CA ILE B 94 -4.40 -25.42 -2.84
C ILE B 94 -4.18 -25.97 -1.44
N PHE B 95 -3.15 -25.49 -0.74
CA PHE B 95 -2.88 -25.99 0.59
C PHE B 95 -3.68 -25.28 1.68
N ALA B 96 -4.36 -24.20 1.32
CA ALA B 96 -5.13 -23.44 2.29
C ALA B 96 -6.33 -24.18 2.84
N THR B 97 -6.41 -24.26 4.16
CA THR B 97 -7.52 -24.93 4.83
C THR B 97 -8.65 -23.92 5.01
N ASN B 98 -9.77 -24.39 5.54
CA ASN B 98 -10.89 -23.49 5.77
C ASN B 98 -10.48 -22.37 6.70
N SER B 99 -9.65 -22.71 7.69
CA SER B 99 -9.15 -21.73 8.64
C SER B 99 -8.31 -20.66 7.95
N ASP B 100 -7.42 -21.10 7.08
CA ASP B 100 -6.58 -20.16 6.36
C ASP B 100 -7.47 -19.23 5.54
N CYS B 101 -8.46 -19.80 4.87
CA CYS B 101 -9.38 -19.02 4.06
C CYS B 101 -10.23 -18.06 4.85
N GLU B 102 -10.55 -18.40 6.10
CA GLU B 102 -11.32 -17.52 6.94
C GLU B 102 -10.49 -16.27 7.25
N LEU B 103 -9.20 -16.47 7.46
CA LEU B 103 -8.31 -15.38 7.76
C LEU B 103 -8.15 -14.45 6.54
N ILE B 104 -8.17 -15.04 5.35
CA ILE B 104 -8.06 -14.27 4.11
C ILE B 104 -9.27 -13.35 3.98
N VAL B 105 -10.44 -13.87 4.37
CA VAL B 105 -11.67 -13.10 4.31
C VAL B 105 -11.63 -11.94 5.32
N LYS B 106 -11.06 -12.19 6.49
CA LYS B 106 -10.94 -11.15 7.50
C LYS B 106 -10.01 -10.04 7.03
N ALA B 107 -8.97 -10.42 6.30
CA ALA B 107 -8.02 -9.44 5.78
C ALA B 107 -8.72 -8.54 4.78
N MET B 108 -9.61 -9.11 3.96
CA MET B 108 -10.35 -8.31 2.98
C MET B 108 -11.33 -7.38 3.69
N GLN B 109 -11.92 -7.85 4.78
CA GLN B 109 -12.86 -7.04 5.53
C GLN B 109 -12.11 -5.90 6.21
N GLY B 110 -10.94 -6.21 6.78
CA GLY B 110 -10.14 -5.18 7.43
C GLY B 110 -9.68 -4.11 6.47
N LEU B 111 -9.31 -4.52 5.27
CA LEU B 111 -8.84 -3.60 4.25
C LEU B 111 -9.88 -2.53 3.93
N LEU B 112 -11.14 -2.92 3.90
CA LEU B 112 -12.23 -2.00 3.54
C LEU B 112 -13.04 -1.43 4.69
N LYS B 113 -12.67 -1.76 5.92
CA LYS B 113 -13.41 -1.25 7.04
C LYS B 113 -13.43 0.28 7.11
N ASP B 114 -14.54 0.81 7.59
CA ASP B 114 -14.71 2.25 7.72
C ASP B 114 -13.61 2.92 8.51
N GLY B 115 -13.14 4.05 8.02
CA GLY B 115 -12.10 4.79 8.71
C GLY B 115 -10.70 4.41 8.33
N ASN B 116 -10.54 3.27 7.65
CA ASN B 116 -9.21 2.84 7.23
C ASN B 116 -8.79 3.62 5.98
N PRO B 117 -7.48 3.71 5.74
CA PRO B 117 -6.92 4.43 4.58
C PRO B 117 -7.57 4.26 3.21
N ILE B 118 -7.56 3.04 2.67
CA ILE B 118 -8.12 2.79 1.35
C ILE B 118 -9.56 3.27 1.18
N PRO B 119 -10.49 2.77 2.01
CA PRO B 119 -11.86 3.25 1.83
C PRO B 119 -12.03 4.75 2.02
N SER B 120 -11.22 5.35 2.88
CA SER B 120 -11.30 6.79 3.12
C SER B 120 -10.83 7.58 1.91
N ALA B 121 -9.81 7.07 1.23
CA ALA B 121 -9.27 7.72 0.05
C ALA B 121 -10.28 7.66 -1.08
N ILE B 122 -10.80 6.46 -1.34
CA ILE B 122 -11.79 6.26 -2.41
C ILE B 122 -13.03 7.14 -2.21
N ALA B 123 -13.56 7.16 -0.99
CA ALA B 123 -14.75 7.94 -0.69
C ALA B 123 -14.52 9.44 -0.81
N ALA B 124 -13.27 9.88 -0.70
CA ALA B 124 -12.98 11.31 -0.78
C ALA B 124 -12.40 11.71 -2.13
N ASN B 125 -12.52 10.85 -3.13
CA ASN B 125 -11.98 11.11 -4.46
C ASN B 125 -10.50 11.44 -4.37
N SER B 126 -9.80 10.74 -3.48
CA SER B 126 -8.38 10.98 -3.26
C SER B 126 -7.46 9.78 -3.43
N GLY B 127 -6.17 10.07 -3.31
CA GLY B 127 -5.15 9.05 -3.38
C GLY B 127 -4.57 9.00 -1.98
N ILE B 128 -3.33 8.55 -1.84
CA ILE B 128 -2.70 8.49 -0.53
C ILE B 128 -1.78 9.70 -0.36
N TYR B 129 -1.79 10.29 0.84
CA TYR B 129 -0.96 11.48 1.10
C TYR B 129 -0.63 11.64 2.58
N ALA C 1 0.60 9.60 8.69
CA ALA C 1 2.02 9.26 9.07
C ALA C 1 2.99 9.59 7.92
N SER C 2 4.25 9.91 8.27
CA SER C 2 5.24 10.23 7.26
C SER C 2 6.64 10.42 7.85
N ASN C 3 7.64 9.85 7.20
CA ASN C 3 9.01 10.00 7.67
C ASN C 3 9.78 10.85 6.67
N PHE C 4 9.09 11.32 5.63
CA PHE C 4 9.70 12.18 4.64
C PHE C 4 9.48 13.59 5.17
N THR C 5 10.12 13.86 6.31
CA THR C 5 9.97 15.14 6.97
C THR C 5 11.29 15.85 7.15
N GLN C 6 11.20 17.05 7.72
CA GLN C 6 12.34 17.89 8.00
C GLN C 6 13.06 17.32 9.22
N PHE C 7 14.39 17.47 9.26
CA PHE C 7 15.15 16.98 10.40
C PHE C 7 16.49 17.67 10.54
N VAL C 8 17.08 17.60 11.73
CA VAL C 8 18.37 18.21 11.99
C VAL C 8 19.51 17.31 11.54
N LEU C 9 20.30 17.79 10.58
CA LEU C 9 21.43 17.03 10.06
C LEU C 9 22.64 17.31 10.93
N VAL C 10 22.91 18.58 11.18
CA VAL C 10 24.05 18.96 12.02
C VAL C 10 23.51 19.64 13.27
N ASP C 11 23.87 19.10 14.43
CA ASP C 11 23.41 19.64 15.69
C ASP C 11 24.48 20.47 16.40
N ASN C 12 24.27 21.79 16.44
CA ASN C 12 25.18 22.73 17.09
C ASN C 12 24.41 23.33 18.27
N GLY C 13 24.17 22.51 19.29
CA GLY C 13 23.40 22.99 20.41
C GLY C 13 22.03 23.30 19.81
N GLY C 14 21.48 24.47 20.10
CA GLY C 14 20.18 24.81 19.56
C GLY C 14 20.27 25.84 18.44
N THR C 15 21.38 26.58 18.42
CA THR C 15 21.56 27.63 17.41
C THR C 15 22.77 27.39 16.50
N GLY C 16 22.50 27.49 15.19
CA GLY C 16 23.54 27.25 14.20
C GLY C 16 23.32 25.85 13.66
N ASP C 17 22.18 25.25 14.04
CA ASP C 17 21.83 23.91 13.60
C ASP C 17 21.56 23.90 12.11
N VAL C 18 22.01 22.85 11.44
CA VAL C 18 21.75 22.73 10.02
C VAL C 18 20.53 21.82 9.89
N THR C 19 19.45 22.37 9.37
CA THR C 19 18.23 21.61 9.16
C THR C 19 18.08 21.36 7.67
N VAL C 20 17.59 20.18 7.36
CA VAL C 20 17.42 19.78 5.98
C VAL C 20 15.92 19.45 5.79
N ALA C 21 15.31 19.99 4.73
CA ALA C 21 13.88 19.77 4.47
C ALA C 21 13.59 19.04 3.17
N PRO C 22 12.48 18.29 3.12
CA PRO C 22 12.12 17.55 1.91
C PRO C 22 12.06 18.47 0.70
N SER C 23 12.49 17.98 -0.46
CA SER C 23 12.43 18.82 -1.63
C SER C 23 11.90 18.07 -2.84
N ASN C 24 12.22 16.78 -2.94
CA ASN C 24 11.79 16.04 -4.10
C ASN C 24 11.82 14.54 -3.83
N PHE C 25 10.89 13.81 -4.43
CA PHE C 25 10.83 12.36 -4.23
C PHE C 25 10.48 11.71 -5.56
N ALA C 26 11.28 11.98 -6.58
CA ALA C 26 11.05 11.44 -7.91
C ALA C 26 11.85 10.15 -8.18
N ASN C 27 11.21 9.19 -8.83
CA ASN C 27 11.87 7.92 -9.17
C ASN C 27 12.41 7.14 -7.98
N GLY C 28 11.66 7.11 -6.88
CA GLY C 28 12.10 6.36 -5.73
C GLY C 28 13.31 6.93 -5.00
N VAL C 29 13.71 8.15 -5.34
CA VAL C 29 14.84 8.78 -4.66
C VAL C 29 14.36 9.99 -3.87
N ALA C 30 14.38 9.87 -2.54
CA ALA C 30 13.96 10.97 -1.67
C ALA C 30 15.14 11.91 -1.48
N GLU C 31 14.86 13.21 -1.55
CA GLU C 31 15.89 14.22 -1.41
C GLU C 31 15.53 15.29 -0.39
N TRP C 32 16.53 15.71 0.39
CA TRP C 32 16.38 16.75 1.41
C TRP C 32 17.44 17.81 1.12
N ILE C 33 17.07 19.09 1.27
CA ILE C 33 18.00 20.19 1.03
C ILE C 33 17.89 21.20 2.17
N SER C 34 19.00 21.83 2.55
CA SER C 34 18.94 22.84 3.61
C SER C 34 18.47 24.14 2.96
N SER C 35 18.08 25.12 3.76
CA SER C 35 17.57 26.37 3.21
C SER C 35 18.61 27.33 2.61
N ASN C 36 18.09 28.37 1.96
CA ASN C 36 18.88 29.40 1.27
C ASN C 36 19.44 28.90 -0.05
N SER C 37 20.40 29.62 -0.61
CA SER C 37 20.98 29.23 -1.90
C SER C 37 21.20 27.74 -2.07
N ARG C 38 20.64 27.20 -3.14
CA ARG C 38 20.78 25.78 -3.46
C ARG C 38 22.28 25.50 -3.64
N SER C 39 23.00 26.48 -4.15
CA SER C 39 24.44 26.36 -4.38
C SER C 39 25.27 26.16 -3.11
N GLN C 40 24.75 26.60 -1.97
CA GLN C 40 25.49 26.45 -0.71
C GLN C 40 24.80 25.49 0.25
N ALA C 41 23.81 24.75 -0.23
CA ALA C 41 23.04 23.86 0.62
C ALA C 41 23.57 22.46 0.87
N TYR C 42 23.15 21.91 2.00
CA TYR C 42 23.49 20.54 2.37
C TYR C 42 22.46 19.68 1.64
N LYS C 43 22.87 18.50 1.21
CA LYS C 43 21.99 17.62 0.49
C LYS C 43 22.02 16.20 1.04
N VAL C 44 20.86 15.56 1.10
CA VAL C 44 20.76 14.20 1.58
C VAL C 44 19.79 13.47 0.65
N THR C 45 20.16 12.29 0.19
CA THR C 45 19.25 11.52 -0.66
C THR C 45 19.21 10.11 -0.11
N CYS C 46 18.12 9.40 -0.39
CA CYS C 46 17.95 8.04 0.10
C CYS C 46 16.99 7.24 -0.77
N SER C 47 17.24 5.94 -0.90
CA SER C 47 16.38 5.08 -1.69
C SER C 47 16.60 3.62 -1.31
N VAL C 48 15.60 2.78 -1.59
CA VAL C 48 15.69 1.35 -1.29
C VAL C 48 15.24 0.58 -2.51
N ARG C 49 15.79 -0.60 -2.70
CA ARG C 49 15.39 -1.43 -3.82
C ARG C 49 15.71 -2.87 -3.50
N GLN C 50 15.09 -3.77 -4.25
CA GLN C 50 15.30 -5.19 -4.12
C GLN C 50 16.51 -5.44 -5.04
N SER C 51 17.72 -5.45 -4.47
CA SER C 51 18.93 -5.63 -5.27
C SER C 51 19.00 -7.04 -5.87
N SER C 52 18.38 -7.99 -5.17
CA SER C 52 18.35 -9.36 -5.66
C SER C 52 17.19 -10.05 -4.99
N ALA C 53 17.05 -11.36 -5.26
CA ALA C 53 15.96 -12.12 -4.68
C ALA C 53 15.94 -12.09 -3.16
N GLN C 54 17.11 -12.16 -2.54
CA GLN C 54 17.16 -12.17 -1.08
C GLN C 54 17.58 -10.87 -0.41
N ASN C 55 18.04 -9.91 -1.20
CA ASN C 55 18.50 -8.66 -0.61
C ASN C 55 17.78 -7.38 -0.97
N ARG C 56 17.71 -6.50 0.01
CA ARG C 56 17.16 -5.17 -0.17
C ARG C 56 18.39 -4.29 0.05
N LYS C 57 18.47 -3.19 -0.69
CA LYS C 57 19.64 -2.35 -0.59
C LYS C 57 19.31 -0.87 -0.45
N TYR C 58 19.90 -0.22 0.55
CA TYR C 58 19.70 1.20 0.77
C TYR C 58 20.88 1.95 0.21
N THR C 59 20.62 3.04 -0.51
CA THR C 59 21.68 3.87 -1.04
C THR C 59 21.43 5.25 -0.44
N ILE C 60 22.40 5.75 0.31
CA ILE C 60 22.28 7.04 0.98
C ILE C 60 23.43 7.96 0.61
N LYS C 61 23.14 9.24 0.40
CA LYS C 61 24.19 10.19 0.06
C LYS C 61 24.04 11.47 0.84
N VAL C 62 25.18 12.03 1.22
CA VAL C 62 25.21 13.27 1.96
C VAL C 62 26.27 14.17 1.35
N GLU C 63 25.98 15.46 1.30
CA GLU C 63 26.91 16.44 0.76
C GLU C 63 27.07 17.57 1.77
N VAL C 64 28.30 17.82 2.18
CA VAL C 64 28.58 18.90 3.11
C VAL C 64 29.37 19.96 2.35
N PRO C 65 28.81 21.17 2.23
CA PRO C 65 29.48 22.23 1.51
C PRO C 65 30.36 23.11 2.36
N LYS C 66 31.31 23.76 1.70
CA LYS C 66 32.19 24.70 2.35
C LYS C 66 31.70 26.04 1.78
N VAL C 67 30.89 26.73 2.55
CA VAL C 67 30.31 28.00 2.14
C VAL C 67 31.36 29.07 1.86
N ALA C 68 31.22 29.72 0.70
CA ALA C 68 32.15 30.77 0.30
C ALA C 68 31.49 31.70 -0.72
N THR C 69 32.10 32.86 -0.93
CA THR C 69 31.59 33.81 -1.90
C THR C 69 32.52 33.86 -3.09
N GLN C 70 31.97 33.73 -4.29
CA GLN C 70 32.81 33.79 -5.48
C GLN C 70 32.73 35.19 -6.09
N THR C 71 33.88 35.70 -6.52
CA THR C 71 33.90 37.02 -7.13
C THR C 71 34.62 36.97 -8.47
N VAL C 72 33.88 37.28 -9.52
CA VAL C 72 34.45 37.29 -10.86
C VAL C 72 33.97 38.54 -11.60
N GLY C 73 34.92 39.33 -12.07
CA GLY C 73 34.58 40.55 -12.78
C GLY C 73 33.81 41.50 -11.87
N GLY C 74 34.00 41.37 -10.56
CA GLY C 74 33.29 42.27 -9.66
C GLY C 74 31.89 41.78 -9.33
N VAL C 75 31.50 40.64 -9.89
CA VAL C 75 30.18 40.06 -9.65
C VAL C 75 30.36 38.97 -8.61
N GLU C 76 29.73 39.09 -7.44
CA GLU C 76 29.86 38.04 -6.46
C GLU C 76 28.63 37.16 -6.30
N LEU C 77 28.87 35.85 -6.31
CA LEU C 77 27.82 34.83 -6.19
C LEU C 77 28.05 33.95 -4.97
N PRO C 78 26.97 33.44 -4.37
CA PRO C 78 27.12 32.55 -3.21
C PRO C 78 27.41 31.18 -3.80
N VAL C 79 28.50 30.56 -3.38
CA VAL C 79 28.84 29.25 -3.91
C VAL C 79 29.39 28.35 -2.82
N ALA C 80 29.84 27.18 -3.24
CA ALA C 80 30.47 26.22 -2.36
C ALA C 80 31.90 26.13 -2.88
N ALA C 81 32.87 26.47 -2.03
CA ALA C 81 34.28 26.42 -2.40
C ALA C 81 34.59 25.00 -2.88
N TRP C 82 34.04 24.04 -2.14
CA TRP C 82 34.16 22.62 -2.45
C TRP C 82 33.12 21.88 -1.63
N ARG C 83 33.02 20.58 -1.84
CA ARG C 83 32.06 19.75 -1.12
C ARG C 83 32.68 18.43 -0.71
N SER C 84 32.23 17.93 0.43
CA SER C 84 32.66 16.64 0.96
C SER C 84 31.51 15.68 0.61
N TYR C 85 31.84 14.51 0.05
CA TYR C 85 30.80 13.57 -0.34
C TYR C 85 30.76 12.25 0.42
N LEU C 86 29.58 11.88 0.89
CA LEU C 86 29.39 10.64 1.62
C LEU C 86 28.48 9.72 0.80
N ASN C 87 28.94 8.50 0.55
CA ASN C 87 28.12 7.54 -0.19
C ASN C 87 28.08 6.22 0.56
N MET C 88 26.91 5.81 1.01
CA MET C 88 26.83 4.55 1.71
C MET C 88 25.77 3.62 1.16
N GLU C 89 26.09 2.34 1.18
CA GLU C 89 25.20 1.30 0.70
C GLU C 89 25.04 0.27 1.80
N LEU C 90 23.79 -0.01 2.15
CA LEU C 90 23.51 -0.97 3.20
C LEU C 90 22.66 -2.10 2.63
N THR C 91 23.19 -3.32 2.67
CA THR C 91 22.47 -4.48 2.17
C THR C 91 21.90 -5.28 3.34
N ILE C 92 20.61 -5.57 3.28
CA ILE C 92 19.92 -6.31 4.34
C ILE C 92 19.06 -7.44 3.77
N PRO C 93 19.36 -8.70 4.13
CA PRO C 93 18.60 -9.88 3.66
C PRO C 93 17.14 -9.78 4.09
N ILE C 94 16.23 -10.32 3.29
CA ILE C 94 14.81 -10.26 3.60
C ILE C 94 14.40 -11.08 4.81
N PHE C 95 15.34 -11.81 5.40
CA PHE C 95 15.04 -12.63 6.57
C PHE C 95 15.17 -11.83 7.86
N ALA C 96 15.69 -10.62 7.75
CA ALA C 96 15.89 -9.76 8.92
C ALA C 96 14.57 -9.24 9.48
N THR C 97 14.37 -9.47 10.77
CA THR C 97 13.16 -9.03 11.45
C THR C 97 13.42 -7.59 11.87
N ASN C 98 12.43 -6.97 12.51
CA ASN C 98 12.61 -5.58 12.96
C ASN C 98 13.70 -5.53 14.01
N SER C 99 13.80 -6.57 14.84
CA SER C 99 14.83 -6.62 15.86
C SER C 99 16.21 -6.62 15.24
N ASP C 100 16.38 -7.39 14.17
CA ASP C 100 17.65 -7.46 13.48
C ASP C 100 18.02 -6.10 12.90
N CYS C 101 17.04 -5.42 12.31
CA CYS C 101 17.29 -4.11 11.71
C CYS C 101 17.68 -3.07 12.74
N GLU C 102 17.10 -3.18 13.93
CA GLU C 102 17.43 -2.24 14.99
C GLU C 102 18.88 -2.41 15.41
N LEU C 103 19.34 -3.65 15.37
CA LEU C 103 20.71 -3.96 15.73
C LEU C 103 21.67 -3.34 14.72
N ILE C 104 21.29 -3.45 13.45
CA ILE C 104 22.07 -2.91 12.35
C ILE C 104 22.21 -1.41 12.53
N VAL C 105 21.13 -0.76 12.93
CA VAL C 105 21.16 0.68 13.14
C VAL C 105 22.04 1.04 14.33
N LYS C 106 22.02 0.25 15.38
CA LYS C 106 22.86 0.55 16.54
C LYS C 106 24.32 0.40 16.18
N ALA C 107 24.63 -0.54 15.29
CA ALA C 107 25.99 -0.75 14.86
C ALA C 107 26.50 0.46 14.10
N MET C 108 25.63 1.07 13.30
CA MET C 108 26.03 2.25 12.54
C MET C 108 26.23 3.44 13.45
N GLN C 109 25.40 3.57 14.47
CA GLN C 109 25.50 4.68 15.41
C GLN C 109 26.74 4.49 16.28
N GLY C 110 27.01 3.24 16.65
CA GLY C 110 28.18 2.95 17.47
C GLY C 110 29.46 3.22 16.71
N LEU C 111 29.48 2.84 15.44
CA LEU C 111 30.63 3.07 14.59
C LEU C 111 31.06 4.54 14.55
N LEU C 112 30.08 5.43 14.60
CA LEU C 112 30.35 6.86 14.51
C LEU C 112 30.28 7.66 15.81
N LYS C 113 30.06 6.99 16.94
CA LYS C 113 29.98 7.68 18.21
C LYS C 113 31.27 8.42 18.55
N ASP C 114 31.15 9.57 19.20
CA ASP C 114 32.31 10.36 19.58
C ASP C 114 33.31 9.58 20.42
N GLY C 115 34.60 9.75 20.09
CA GLY C 115 35.63 9.06 20.82
C GLY C 115 36.05 7.74 20.22
N ASN C 116 35.21 7.17 19.36
CA ASN C 116 35.58 5.92 18.74
C ASN C 116 36.60 6.16 17.65
N PRO C 117 37.37 5.12 17.30
CA PRO C 117 38.42 5.18 16.29
C PRO C 117 38.13 5.90 14.99
N ILE C 118 37.08 5.50 14.28
CA ILE C 118 36.78 6.09 13.01
C ILE C 118 36.35 7.55 13.00
N PRO C 119 35.35 7.93 13.81
CA PRO C 119 34.98 9.35 13.78
C PRO C 119 36.15 10.23 14.26
N SER C 120 37.01 9.68 15.13
CA SER C 120 38.16 10.42 15.63
C SER C 120 39.19 10.66 14.55
N ALA C 121 39.42 9.65 13.72
CA ALA C 121 40.39 9.77 12.64
C ALA C 121 39.94 10.83 11.64
N ILE C 122 38.69 10.73 11.21
CA ILE C 122 38.12 11.66 10.25
C ILE C 122 38.17 13.11 10.74
N ALA C 123 37.73 13.33 11.97
CA ALA C 123 37.71 14.66 12.54
C ALA C 123 39.11 15.29 12.66
N ALA C 124 40.15 14.45 12.63
CA ALA C 124 41.51 14.96 12.75
C ALA C 124 42.31 14.85 11.47
N ASN C 125 41.63 14.72 10.33
CA ASN C 125 42.32 14.61 9.06
C ASN C 125 43.30 13.45 9.11
N SER C 126 42.99 12.41 9.86
CA SER C 126 43.91 11.30 10.01
C SER C 126 43.40 9.94 9.54
N GLY C 127 44.31 8.96 9.59
CA GLY C 127 43.97 7.61 9.23
C GLY C 127 44.06 6.82 10.53
N ILE C 128 44.28 5.51 10.43
CA ILE C 128 44.39 4.69 11.63
C ILE C 128 45.88 4.58 11.98
N TYR C 129 46.18 4.50 13.26
CA TYR C 129 47.57 4.41 13.70
C TYR C 129 47.66 3.78 15.09
P PYO D 11 6.25 -13.44 -5.16
OP1 PYO D 11 7.48 -12.62 -4.95
OP2 PYO D 11 5.42 -13.83 -3.99
O5' PYO D 11 5.32 -12.70 -6.21
C5' PYO D 11 5.88 -11.90 -7.26
C4' PYO D 11 4.89 -10.84 -7.67
O4' PYO D 11 3.74 -11.47 -8.29
C3' PYO D 11 4.35 -9.98 -6.55
C1' PYO D 11 2.57 -11.14 -7.57
O3' PYO D 11 4.07 -8.69 -7.07
C2' PYO D 11 3.04 -10.69 -6.19
O2' PYO D 11 2.09 -9.85 -5.58
N1 PYO D 11 1.67 -12.30 -7.59
C6 PYO D 11 2.16 -13.53 -7.56
C2 PYO D 11 0.30 -12.05 -7.67
C5 PYO D 11 1.32 -14.57 -7.61
O2 PYO D 11 -0.16 -10.88 -7.68
N3 PYO D 11 -0.54 -13.12 -7.74
C4 PYO D 11 -0.03 -14.33 -7.71
P PYO E 11 28.51 18.25 -8.40
OP1 PYO E 11 27.46 19.10 -9.03
OP2 PYO E 11 28.82 18.40 -6.96
O5' PYO E 11 28.10 16.73 -8.64
C5' PYO E 11 27.06 16.18 -7.86
C4' PYO E 11 26.93 14.70 -8.10
O4' PYO E 11 28.22 14.04 -8.10
C3' PYO E 11 26.12 14.06 -6.98
C1' PYO E 11 28.28 13.11 -7.01
O3' PYO E 11 25.39 12.96 -7.51
C2' PYO E 11 27.21 13.59 -6.03
O2' PYO E 11 26.79 12.57 -5.16
N1 PYO E 11 29.67 13.09 -6.50
C6 PYO E 11 30.58 13.95 -6.96
C2 PYO E 11 29.98 12.13 -5.53
C5 PYO E 11 31.84 13.88 -6.49
O2 PYO E 11 29.11 11.33 -5.07
N3 PYO E 11 31.26 12.08 -5.07
C4 PYO E 11 32.15 12.94 -5.55
#